data_3W6I
#
_entry.id   3W6I
#
_cell.length_a   62.463
_cell.length_b   69.614
_cell.length_c   119.943
_cell.angle_alpha   90.00
_cell.angle_beta   90.00
_cell.angle_gamma   90.00
#
_symmetry.space_group_name_H-M   'P 21 21 21'
#
loop_
_entity.id
_entity.type
_entity.pdbx_description
1 polymer 'Carbonic anhydrase 1'
2 non-polymer 1-(2-ethoxyethoxy)-3,5-bis(trifluoromethyl)benzene
3 non-polymer 'ZINC ION'
4 water water
#
_entity_poly.entity_id   1
_entity_poly.type   'polypeptide(L)'
_entity_poly.pdbx_seq_one_letter_code
;ASPDWGYDDKNGPEQWSKLYPIANGNNQSPVDIKTSETKHDTSLKPISVSYNPATAKEIINVGHSFHVNFEDNDNRSVLK
GGPFSDSYRLFQFHFHWGSTNEHGSEHTVDGVKYSAELHVAHWNSAKYSSLAEAASKADGLAVIGVLMKVGEANPKLQKV
LDALQAIKTKGKRAPFTNFDPSTLLPSSLDFWTYPGSLTHPPLYESVTWIICKESISVSSEQLAQFRSLLSNVEGDNAVP
MQHNNRPTQPLKGRTVRASF
;
_entity_poly.pdbx_strand_id   A,E
#
loop_
_chem_comp.id
_chem_comp.type
_chem_comp.name
_chem_comp.formula
FLB non-polymer 1-(2-ethoxyethoxy)-3,5-bis(trifluoromethyl)benzene 'C12 H12 F6 O2'
ZN non-polymer 'ZINC ION' 'Zn 2'
#
# COMPACT_ATOMS: atom_id res chain seq x y z
N TRP A 5 10.77 -5.69 -10.42
CA TRP A 5 12.04 -5.45 -9.75
C TRP A 5 12.55 -6.69 -9.04
N GLY A 6 13.83 -6.69 -8.69
CA GLY A 6 14.45 -7.81 -8.02
C GLY A 6 15.83 -7.46 -7.49
N TYR A 7 16.73 -8.44 -7.49
CA TYR A 7 18.10 -8.21 -7.01
C TYR A 7 19.13 -8.72 -8.01
N ASP A 8 18.66 -9.21 -9.15
CA ASP A 8 19.56 -9.61 -10.23
C ASP A 8 20.10 -8.37 -10.92
N ASP A 9 21.12 -8.55 -11.76
CA ASP A 9 21.75 -7.43 -12.46
C ASP A 9 20.76 -6.74 -13.39
N LYS A 10 19.83 -7.52 -13.93
CA LYS A 10 18.88 -7.00 -14.92
C LYS A 10 17.77 -6.16 -14.29
N ASN A 11 17.50 -6.41 -13.00
CA ASN A 11 16.41 -5.74 -12.32
C ASN A 11 16.74 -5.35 -10.88
N GLY A 12 18.03 -5.17 -10.62
CA GLY A 12 18.50 -4.92 -9.27
C GLY A 12 18.39 -3.47 -8.82
N PRO A 13 18.99 -3.15 -7.67
CA PRO A 13 18.98 -1.82 -7.05
C PRO A 13 19.47 -0.74 -8.02
N GLU A 14 20.33 -1.13 -8.95
CA GLU A 14 20.87 -0.19 -9.93
C GLU A 14 19.84 0.15 -11.01
N GLN A 15 18.84 -0.71 -11.16
CA GLN A 15 17.82 -0.54 -12.18
C GLN A 15 16.51 0.01 -11.60
N TRP A 16 16.44 0.09 -10.27
CA TRP A 16 15.21 0.50 -9.60
C TRP A 16 14.78 1.92 -9.95
N SER A 17 15.76 2.81 -10.20
CA SER A 17 15.47 4.20 -10.50
C SER A 17 14.62 4.34 -11.77
N LYS A 18 14.63 3.31 -12.61
CA LYS A 18 13.85 3.34 -13.85
C LYS A 18 12.34 3.41 -13.58
N LEU A 19 11.83 2.51 -12.75
CA LEU A 19 10.39 2.45 -12.47
C LEU A 19 10.08 3.11 -11.14
N TYR A 20 11.12 3.40 -10.37
CA TYR A 20 10.97 4.04 -9.06
C TYR A 20 11.98 5.16 -8.88
N PRO A 21 11.70 6.33 -9.49
CA PRO A 21 12.57 7.50 -9.47
C PRO A 21 12.97 7.93 -8.08
N ILE A 22 12.15 7.58 -7.09
CA ILE A 22 12.41 7.96 -5.70
C ILE A 22 13.68 7.28 -5.18
N ALA A 23 14.14 6.26 -5.89
CA ALA A 23 15.37 5.57 -5.53
C ALA A 23 16.54 6.55 -5.46
N ASN A 24 16.49 7.56 -6.32
CA ASN A 24 17.50 8.63 -6.31
C ASN A 24 17.06 9.80 -5.47
N GLY A 25 16.30 9.52 -4.42
CA GLY A 25 15.76 10.55 -3.56
C GLY A 25 16.75 11.06 -2.53
N ASN A 26 16.27 11.88 -1.61
CA ASN A 26 17.15 12.48 -0.59
C ASN A 26 17.01 11.82 0.77
N ASN A 27 15.96 11.01 0.93
CA ASN A 27 15.72 10.30 2.19
C ASN A 27 15.64 8.79 1.99
N GLN A 28 16.67 8.24 1.36
CA GLN A 28 16.67 6.82 1.02
C GLN A 28 17.49 5.97 2.00
N SER A 29 17.06 4.73 2.18
CA SER A 29 17.76 3.79 3.04
C SER A 29 18.19 2.57 2.23
N PRO A 30 19.20 1.83 2.72
CA PRO A 30 19.90 2.04 3.99
C PRO A 30 20.95 3.14 3.88
N VAL A 31 21.64 3.39 4.99
CA VAL A 31 22.71 4.38 5.02
C VAL A 31 23.85 3.89 5.92
N ASP A 32 25.00 4.54 5.81
CA ASP A 32 26.12 4.24 6.69
C ASP A 32 26.07 5.14 7.92
N ILE A 33 25.97 4.53 9.09
CA ILE A 33 25.95 5.28 10.34
C ILE A 33 27.36 5.51 10.88
N LYS A 34 27.84 6.75 10.80
CA LYS A 34 29.14 7.11 11.33
C LYS A 34 28.97 7.62 12.75
N THR A 35 29.41 6.82 13.72
CA THR A 35 29.20 7.12 15.14
C THR A 35 29.76 8.47 15.57
N SER A 36 30.84 8.91 14.94
CA SER A 36 31.48 10.17 15.29
C SER A 36 30.61 11.37 14.91
N GLU A 37 29.69 11.15 13.98
CA GLU A 37 28.84 12.23 13.48
C GLU A 37 27.39 12.12 13.93
N THR A 38 27.10 11.12 14.75
CA THR A 38 25.75 10.97 15.30
C THR A 38 25.54 11.94 16.45
N LYS A 39 24.36 12.54 16.51
CA LYS A 39 24.05 13.54 17.51
C LYS A 39 23.11 13.02 18.59
N HIS A 40 23.58 13.01 19.83
CA HIS A 40 22.74 12.60 20.94
C HIS A 40 21.59 13.58 21.13
N ASP A 41 20.37 13.04 21.25
CA ASP A 41 19.20 13.88 21.42
C ASP A 41 18.56 13.66 22.78
N THR A 42 18.45 14.75 23.55
CA THR A 42 17.91 14.69 24.90
C THR A 42 16.42 14.35 24.91
N SER A 43 15.70 14.74 23.87
CA SER A 43 14.26 14.52 23.81
C SER A 43 13.90 13.05 23.60
N LEU A 44 14.85 12.28 23.08
CA LEU A 44 14.61 10.86 22.80
C LEU A 44 14.26 10.08 24.05
N LYS A 45 13.14 9.36 24.00
CA LYS A 45 12.72 8.50 25.10
C LYS A 45 13.08 7.05 24.77
N PRO A 46 13.19 6.20 25.80
CA PRO A 46 13.50 4.78 25.57
C PRO A 46 12.50 4.12 24.63
N ILE A 47 12.96 3.18 23.82
CA ILE A 47 12.07 2.43 22.95
C ILE A 47 11.25 1.43 23.76
N SER A 48 9.95 1.38 23.51
CA SER A 48 9.08 0.47 24.23
C SER A 48 8.26 -0.38 23.26
N VAL A 49 8.52 -1.69 23.28
CA VAL A 49 7.77 -2.61 22.44
C VAL A 49 6.95 -3.58 23.27
N SER A 50 5.67 -3.70 22.95
CA SER A 50 4.80 -4.66 23.62
C SER A 50 4.00 -5.44 22.58
N TYR A 51 4.46 -6.63 22.26
CA TYR A 51 3.82 -7.45 21.24
C TYR A 51 3.00 -8.58 21.85
N ASN A 52 1.86 -8.89 21.21
CA ASN A 52 1.05 -10.02 21.61
C ASN A 52 1.28 -11.18 20.66
N PRO A 53 1.76 -12.31 21.18
CA PRO A 53 2.08 -13.48 20.35
C PRO A 53 0.88 -13.92 19.51
N ALA A 54 -0.32 -13.77 20.05
CA ALA A 54 -1.54 -14.16 19.35
C ALA A 54 -1.74 -13.33 18.09
N THR A 55 -0.97 -12.25 17.96
CA THR A 55 -1.07 -11.37 16.80
C THR A 55 -0.45 -12.00 15.55
N ALA A 56 0.56 -12.84 15.75
CA ALA A 56 1.20 -13.52 14.63
C ALA A 56 0.16 -14.20 13.76
N LYS A 57 0.29 -14.05 12.44
CA LYS A 57 -0.73 -14.54 11.52
C LYS A 57 -0.22 -15.60 10.55
N GLU A 58 0.73 -15.22 9.70
CA GLU A 58 1.20 -16.11 8.65
C GLU A 58 2.59 -15.75 8.15
N ILE A 59 3.19 -16.68 7.40
CA ILE A 59 4.48 -16.43 6.77
C ILE A 59 4.37 -16.66 5.25
N ILE A 60 4.97 -15.77 4.47
CA ILE A 60 4.77 -15.77 3.03
C ILE A 60 6.09 -15.67 2.25
N ASN A 61 6.20 -16.49 1.21
CA ASN A 61 7.35 -16.40 0.29
C ASN A 61 7.02 -15.46 -0.86
N VAL A 62 7.71 -14.32 -0.91
CA VAL A 62 7.40 -13.29 -1.89
C VAL A 62 8.43 -13.16 -3.00
N GLY A 63 9.12 -14.27 -3.29
CA GLY A 63 10.07 -14.30 -4.39
C GLY A 63 11.44 -13.72 -4.05
N HIS A 64 11.45 -12.48 -3.58
CA HIS A 64 12.70 -11.81 -3.25
C HIS A 64 13.06 -11.99 -1.78
N SER A 65 12.09 -12.43 -0.99
CA SER A 65 12.28 -12.60 0.45
C SER A 65 11.07 -13.34 1.03
N PHE A 66 10.92 -13.28 2.35
CA PHE A 66 9.75 -13.83 3.00
C PHE A 66 9.24 -12.91 4.11
N HIS A 67 7.92 -12.80 4.23
CA HIS A 67 7.31 -11.88 5.17
C HIS A 67 6.60 -12.64 6.25
N VAL A 68 6.84 -12.24 7.51
CA VAL A 68 6.09 -12.79 8.63
C VAL A 68 5.10 -11.73 9.10
N ASN A 69 3.84 -11.90 8.73
CA ASN A 69 2.83 -10.88 8.97
C ASN A 69 2.04 -11.06 10.26
N PHE A 70 1.49 -9.96 10.75
CA PHE A 70 0.76 -9.95 12.01
C PHE A 70 -0.59 -9.25 11.85
N GLU A 71 -1.52 -9.54 12.76
CA GLU A 71 -2.81 -8.86 12.74
C GLU A 71 -2.66 -7.41 13.16
N ASP A 72 -2.97 -6.50 12.24
CA ASP A 72 -2.90 -5.07 12.52
C ASP A 72 -4.29 -4.45 12.66
N ASN A 73 -5.18 -5.17 13.32
CA ASN A 73 -6.55 -4.71 13.52
C ASN A 73 -6.67 -3.78 14.72
N ASP A 74 -5.88 -4.05 15.76
CA ASP A 74 -5.90 -3.26 16.97
C ASP A 74 -4.50 -3.01 17.51
N ASN A 75 -4.40 -2.38 18.68
CA ASN A 75 -3.10 -2.04 19.26
C ASN A 75 -2.57 -3.07 20.25
N ARG A 76 -2.77 -4.34 19.95
CA ARG A 76 -2.25 -5.40 20.80
C ARG A 76 -0.72 -5.47 20.73
N SER A 77 -0.18 -5.19 19.55
CA SER A 77 1.27 -5.17 19.36
C SER A 77 1.70 -3.80 18.85
N VAL A 78 2.27 -2.98 19.72
CA VAL A 78 2.61 -1.61 19.36
C VAL A 78 4.05 -1.23 19.69
N LEU A 79 4.48 -0.11 19.10
CA LEU A 79 5.81 0.45 19.36
C LEU A 79 5.67 1.86 19.91
N LYS A 80 6.27 2.11 21.06
CA LYS A 80 6.21 3.41 21.71
C LYS A 80 7.60 3.98 21.95
N GLY A 81 7.67 5.17 22.52
CA GLY A 81 8.93 5.78 22.88
C GLY A 81 9.76 6.21 21.69
N GLY A 82 11.06 6.41 21.92
CA GLY A 82 11.94 6.87 20.87
C GLY A 82 11.64 8.29 20.47
N PRO A 83 11.66 8.57 19.16
CA PRO A 83 11.34 9.89 18.61
C PRO A 83 9.83 10.04 18.40
N PHE A 84 9.07 9.03 18.79
CA PHE A 84 7.64 9.00 18.51
C PHE A 84 6.79 9.55 19.64
N SER A 85 5.82 10.38 19.28
CA SER A 85 4.79 10.81 20.21
C SER A 85 3.56 9.95 19.96
N ASP A 86 3.47 9.43 18.74
CA ASP A 86 2.38 8.54 18.35
C ASP A 86 2.74 7.09 18.67
N SER A 87 1.75 6.22 18.53
CA SER A 87 1.97 4.78 18.74
C SER A 87 1.87 4.04 17.42
N TYR A 88 2.84 3.18 17.15
CA TYR A 88 2.90 2.46 15.87
C TYR A 88 2.51 1.00 16.02
N ARG A 89 1.71 0.52 15.07
CA ARG A 89 1.16 -0.84 15.12
C ARG A 89 1.99 -1.81 14.29
N LEU A 90 2.53 -2.83 14.95
CA LEU A 90 3.30 -3.88 14.27
C LEU A 90 2.45 -4.59 13.23
N PHE A 91 3.05 -4.95 12.10
CA PHE A 91 2.34 -5.67 11.06
C PHE A 91 3.17 -6.75 10.37
N GLN A 92 4.49 -6.66 10.51
CA GLN A 92 5.38 -7.58 9.82
C GLN A 92 6.83 -7.45 10.25
N PHE A 93 7.57 -8.57 10.18
CA PHE A 93 9.02 -8.53 10.28
C PHE A 93 9.62 -9.44 9.22
N HIS A 94 10.81 -9.08 8.75
CA HIS A 94 11.50 -9.86 7.72
C HIS A 94 13.00 -9.67 7.82
N PHE A 95 13.73 -10.32 6.92
CA PHE A 95 15.19 -10.27 6.96
C PHE A 95 15.80 -9.85 5.62
N HIS A 96 17.04 -9.39 5.68
CA HIS A 96 17.83 -9.12 4.50
C HIS A 96 19.18 -9.80 4.66
N TRP A 97 19.68 -10.41 3.59
CA TRP A 97 20.95 -11.13 3.66
C TRP A 97 21.73 -11.03 2.36
N GLY A 98 22.99 -11.46 2.40
CA GLY A 98 23.85 -11.45 1.24
C GLY A 98 24.21 -12.85 0.79
N SER A 99 24.99 -12.95 -0.28
CA SER A 99 25.38 -14.24 -0.82
C SER A 99 26.55 -14.86 -0.06
N THR A 100 27.18 -14.07 0.79
CA THR A 100 28.24 -14.56 1.67
C THR A 100 28.03 -14.04 3.10
N ASN A 101 28.63 -14.72 4.06
CA ASN A 101 28.48 -14.36 5.46
C ASN A 101 29.02 -12.97 5.81
N GLU A 102 29.97 -12.50 5.02
CA GLU A 102 30.71 -11.29 5.36
C GLU A 102 29.92 -9.99 5.19
N HIS A 103 29.25 -9.84 4.06
CA HIS A 103 28.57 -8.58 3.74
C HIS A 103 27.14 -8.79 3.28
N GLY A 104 26.25 -9.04 4.25
CA GLY A 104 24.86 -9.33 3.93
C GLY A 104 23.86 -8.37 4.55
N SER A 105 24.32 -7.46 5.40
CA SER A 105 23.45 -6.48 6.02
C SER A 105 23.18 -5.32 5.06
N GLU A 106 22.22 -4.47 5.42
CA GLU A 106 21.89 -3.32 4.60
C GLU A 106 22.47 -2.04 5.21
N HIS A 107 22.21 -1.82 6.49
CA HIS A 107 22.82 -0.72 7.21
C HIS A 107 24.25 -1.08 7.61
N THR A 108 25.12 -0.08 7.63
CA THR A 108 26.50 -0.29 8.07
C THR A 108 26.85 0.73 9.14
N VAL A 109 27.74 0.34 10.05
CA VAL A 109 28.18 1.25 11.10
C VAL A 109 29.69 1.48 10.99
N ASP A 110 30.05 2.74 10.73
CA ASP A 110 31.45 3.10 10.52
C ASP A 110 32.03 2.31 9.35
N GLY A 111 31.21 2.05 8.34
CA GLY A 111 31.65 1.35 7.15
C GLY A 111 31.70 -0.15 7.32
N VAL A 112 31.25 -0.64 8.47
CA VAL A 112 31.26 -2.07 8.75
C VAL A 112 29.95 -2.76 8.36
N LYS A 113 30.09 -3.73 7.45
CA LYS A 113 29.02 -4.57 6.90
C LYS A 113 28.76 -5.71 7.89
N TYR A 114 27.50 -6.10 8.08
CA TYR A 114 27.21 -7.32 8.86
C TYR A 114 26.67 -8.44 7.97
N SER A 115 26.38 -9.59 8.57
CA SER A 115 25.96 -10.77 7.81
C SER A 115 24.53 -10.68 7.30
N ALA A 116 23.65 -10.12 8.11
CA ALA A 116 22.25 -9.99 7.76
C ALA A 116 21.62 -8.85 8.56
N GLU A 117 20.33 -8.63 8.34
CA GLU A 117 19.64 -7.58 9.05
C GLU A 117 18.16 -7.91 9.24
N LEU A 118 17.68 -7.71 10.46
CA LEU A 118 16.28 -7.96 10.79
C LEU A 118 15.51 -6.64 10.79
N HIS A 119 14.37 -6.62 10.11
CA HIS A 119 13.52 -5.44 10.09
C HIS A 119 12.14 -5.75 10.69
N VAL A 120 11.79 -5.01 11.74
CA VAL A 120 10.48 -5.13 12.35
C VAL A 120 9.66 -3.89 12.01
N ALA A 121 8.61 -4.06 11.22
CA ALA A 121 7.87 -2.93 10.67
C ALA A 121 6.58 -2.61 11.41
N HIS A 122 6.30 -1.31 11.53
CA HIS A 122 5.09 -0.82 12.18
C HIS A 122 4.51 0.33 11.37
N TRP A 123 3.20 0.51 11.44
CA TRP A 123 2.58 1.67 10.79
C TRP A 123 1.81 2.54 11.78
N ASN A 124 1.79 3.84 11.52
CA ASN A 124 1.20 4.82 12.42
C ASN A 124 -0.31 4.67 12.56
N SER A 125 -0.74 3.92 13.57
CA SER A 125 -2.15 3.67 13.79
C SER A 125 -2.82 4.83 14.54
N ALA A 126 -2.01 5.80 14.96
CA ALA A 126 -2.54 6.97 15.64
C ALA A 126 -3.09 7.99 14.63
N LYS A 127 -2.43 8.08 13.48
CA LYS A 127 -2.83 9.02 12.45
C LYS A 127 -3.63 8.37 11.32
N TYR A 128 -3.38 7.09 11.09
CA TYR A 128 -3.99 6.40 9.96
C TYR A 128 -4.68 5.11 10.38
N SER A 129 -5.43 4.52 9.44
CA SER A 129 -6.24 3.35 9.76
C SER A 129 -5.85 2.12 8.94
N SER A 130 -4.82 2.25 8.11
CA SER A 130 -4.36 1.13 7.30
C SER A 130 -2.90 1.30 6.92
N LEU A 131 -2.24 0.17 6.66
CA LEU A 131 -0.85 0.20 6.19
C LEU A 131 -0.75 0.86 4.83
N ALA A 132 -1.74 0.61 3.98
CA ALA A 132 -1.77 1.18 2.64
C ALA A 132 -1.80 2.71 2.69
N GLU A 133 -2.53 3.25 3.65
CA GLU A 133 -2.63 4.69 3.82
C GLU A 133 -1.34 5.26 4.40
N ALA A 134 -0.80 4.59 5.40
CA ALA A 134 0.39 5.07 6.11
C ALA A 134 1.66 4.89 5.31
N ALA A 135 1.64 3.95 4.36
CA ALA A 135 2.84 3.58 3.62
C ALA A 135 3.49 4.75 2.87
N SER A 136 2.67 5.71 2.45
CA SER A 136 3.17 6.82 1.66
C SER A 136 3.30 8.10 2.48
N LYS A 137 3.04 8.00 3.78
CA LYS A 137 3.11 9.15 4.67
C LYS A 137 4.47 9.24 5.36
N ALA A 138 5.06 10.43 5.36
CA ALA A 138 6.38 10.64 5.95
C ALA A 138 6.47 10.10 7.37
N ASP A 139 5.37 10.21 8.12
CA ASP A 139 5.32 9.74 9.49
C ASP A 139 4.50 8.46 9.60
N GLY A 140 4.40 7.73 8.49
CA GLY A 140 3.56 6.56 8.43
C GLY A 140 4.19 5.29 8.95
N LEU A 141 5.48 5.11 8.69
CA LEU A 141 6.14 3.86 9.03
C LEU A 141 7.25 4.03 10.06
N ALA A 142 7.35 3.05 10.97
CA ALA A 142 8.45 2.98 11.92
C ALA A 142 9.04 1.58 11.84
N VAL A 143 10.32 1.49 11.51
CA VAL A 143 10.97 0.19 11.34
C VAL A 143 12.19 0.04 12.24
N ILE A 144 12.21 -1.04 13.01
CA ILE A 144 13.37 -1.37 13.84
C ILE A 144 14.37 -2.20 13.07
N GLY A 145 15.59 -1.69 12.93
CA GLY A 145 16.64 -2.41 12.24
C GLY A 145 17.62 -3.03 13.21
N VAL A 146 17.72 -4.36 13.16
CA VAL A 146 18.67 -5.08 14.00
C VAL A 146 19.75 -5.74 13.15
N LEU A 147 21.00 -5.39 13.42
CA LEU A 147 22.13 -5.96 12.68
C LEU A 147 22.45 -7.37 13.18
N MET A 148 22.62 -8.29 12.25
CA MET A 148 22.88 -9.69 12.60
C MET A 148 24.32 -10.07 12.27
N LYS A 149 25.00 -10.69 13.24
CA LYS A 149 26.41 -10.99 13.13
C LYS A 149 26.67 -12.49 13.13
N VAL A 150 27.50 -12.94 12.19
CA VAL A 150 27.78 -14.35 12.05
C VAL A 150 28.55 -14.89 13.27
N GLY A 151 28.10 -16.02 13.79
CA GLY A 151 28.71 -16.60 14.97
C GLY A 151 27.96 -17.85 15.43
N GLU A 152 27.55 -17.85 16.69
CA GLU A 152 26.82 -18.99 17.24
C GLU A 152 25.36 -18.98 16.77
N ALA A 153 24.79 -20.16 16.66
CA ALA A 153 23.40 -20.29 16.25
C ALA A 153 22.47 -19.51 17.17
N ASN A 154 21.47 -18.86 16.58
CA ASN A 154 20.48 -18.12 17.35
C ASN A 154 19.21 -18.95 17.52
N PRO A 155 18.97 -19.45 18.74
CA PRO A 155 17.83 -20.32 19.03
C PRO A 155 16.49 -19.64 18.76
N LYS A 156 16.47 -18.31 18.83
CA LYS A 156 15.24 -17.56 18.64
C LYS A 156 14.81 -17.57 17.18
N LEU A 157 15.75 -17.80 16.28
CA LEU A 157 15.47 -17.82 14.84
C LEU A 157 14.83 -19.15 14.40
N GLN A 158 14.98 -20.18 15.23
CA GLN A 158 14.62 -21.53 14.82
C GLN A 158 13.16 -21.73 14.44
N LYS A 159 12.24 -21.10 15.18
CA LYS A 159 10.83 -21.26 14.88
C LYS A 159 10.51 -20.68 13.51
N VAL A 160 11.20 -19.61 13.15
CA VAL A 160 11.03 -18.97 11.84
C VAL A 160 11.64 -19.84 10.74
N LEU A 161 12.85 -20.36 11.02
CA LEU A 161 13.55 -21.20 10.05
C LEU A 161 12.83 -22.52 9.82
N ASP A 162 12.19 -23.03 10.87
CA ASP A 162 11.46 -24.29 10.78
C ASP A 162 10.21 -24.14 9.92
N ALA A 163 9.76 -22.89 9.74
CA ALA A 163 8.54 -22.62 8.98
C ALA A 163 8.83 -22.44 7.50
N LEU A 164 10.09 -22.18 7.17
CA LEU A 164 10.49 -21.93 5.79
C LEU A 164 10.28 -23.15 4.89
N GLN A 165 10.10 -24.31 5.50
CA GLN A 165 9.88 -25.54 4.75
C GLN A 165 8.48 -25.59 4.13
N ALA A 166 7.59 -24.75 4.64
CA ALA A 166 6.22 -24.72 4.16
C ALA A 166 5.99 -23.62 3.13
N ILE A 167 6.99 -22.77 2.95
CA ILE A 167 6.92 -21.70 1.96
C ILE A 167 8.15 -21.69 1.06
N LYS A 168 8.53 -22.89 0.63
CA LYS A 168 9.74 -23.10 -0.15
C LYS A 168 9.79 -22.23 -1.42
N THR A 169 8.70 -22.22 -2.17
CA THR A 169 8.67 -21.54 -3.47
C THR A 169 7.86 -20.25 -3.45
N LYS A 170 8.15 -19.38 -4.42
CA LYS A 170 7.48 -18.10 -4.55
C LYS A 170 5.95 -18.22 -4.56
N GLY A 171 5.29 -17.45 -3.70
CA GLY A 171 3.84 -17.45 -3.63
C GLY A 171 3.29 -18.31 -2.52
N LYS A 172 4.09 -19.24 -2.03
CA LYS A 172 3.66 -20.15 -0.97
C LYS A 172 3.32 -19.41 0.33
N ARG A 173 2.21 -19.80 0.94
CA ARG A 173 1.76 -19.18 2.19
C ARG A 173 1.55 -20.25 3.26
N ALA A 174 1.66 -19.84 4.52
CA ALA A 174 1.45 -20.76 5.64
C ALA A 174 1.13 -19.98 6.91
N PRO A 175 0.29 -20.57 7.77
CA PRO A 175 -0.05 -19.97 9.06
C PRO A 175 1.18 -19.87 9.95
N PHE A 176 1.34 -18.72 10.61
CA PHE A 176 2.45 -18.51 11.53
C PHE A 176 1.90 -17.83 12.78
N THR A 177 1.55 -18.62 13.78
CA THR A 177 0.84 -18.11 14.96
C THR A 177 1.63 -18.27 16.25
N ASN A 178 1.20 -17.54 17.27
CA ASN A 178 1.80 -17.62 18.60
C ASN A 178 3.31 -17.36 18.58
N PHE A 179 3.68 -16.11 18.31
CA PHE A 179 5.09 -15.74 18.26
C PHE A 179 5.30 -14.26 18.60
N ASP A 180 6.19 -14.01 19.56
CA ASP A 180 6.52 -12.65 19.96
C ASP A 180 7.86 -12.23 19.35
N PRO A 181 7.82 -11.31 18.38
CA PRO A 181 8.99 -10.84 17.63
C PRO A 181 10.04 -10.18 18.52
N SER A 182 9.62 -9.63 19.65
CA SER A 182 10.54 -8.93 20.55
C SER A 182 11.62 -9.87 21.08
N THR A 183 11.36 -11.17 21.02
CA THR A 183 12.33 -12.16 21.46
C THR A 183 13.55 -12.20 20.54
N LEU A 184 13.40 -11.59 19.36
CA LEU A 184 14.48 -11.51 18.39
C LEU A 184 15.35 -10.29 18.64
N LEU A 185 14.80 -9.30 19.33
CA LEU A 185 15.51 -8.06 19.60
C LEU A 185 16.66 -8.25 20.59
N PRO A 186 17.67 -7.37 20.52
CA PRO A 186 18.83 -7.41 21.41
C PRO A 186 18.46 -7.14 22.87
N SER A 187 19.37 -7.45 23.79
CA SER A 187 19.14 -7.22 25.20
C SER A 187 18.86 -5.75 25.49
N SER A 188 19.72 -4.89 24.94
CA SER A 188 19.54 -3.45 25.09
C SER A 188 18.82 -2.88 23.87
N LEU A 189 18.06 -1.80 24.08
CA LEU A 189 17.33 -1.17 22.99
C LEU A 189 17.89 0.22 22.66
N ASP A 190 19.15 0.45 23.00
CA ASP A 190 19.83 1.66 22.57
C ASP A 190 19.82 1.71 21.04
N PHE A 191 19.64 2.90 20.47
CA PHE A 191 19.39 2.98 19.04
C PHE A 191 19.88 4.27 18.39
N TRP A 192 20.09 4.19 17.08
CA TRP A 192 20.25 5.37 16.25
C TRP A 192 18.93 5.55 15.51
N THR A 193 18.56 6.80 15.23
CA THR A 193 17.34 7.07 14.47
C THR A 193 17.56 8.13 13.41
N TYR A 194 16.94 7.93 12.25
CA TYR A 194 17.07 8.87 11.14
C TYR A 194 15.92 8.70 10.16
N PRO A 195 15.52 9.79 9.50
CA PRO A 195 14.47 9.78 8.48
C PRO A 195 14.92 9.00 7.26
N GLY A 196 14.24 7.91 6.95
CA GLY A 196 14.64 7.04 5.86
C GLY A 196 13.50 6.57 4.98
N SER A 197 13.73 5.46 4.29
CA SER A 197 12.73 4.91 3.37
C SER A 197 12.73 3.38 3.42
N LEU A 198 11.94 2.78 2.53
CA LEU A 198 11.97 1.35 2.35
C LEU A 198 13.22 0.99 1.58
N THR A 199 13.85 -0.13 1.94
CA THR A 199 15.10 -0.53 1.31
C THR A 199 14.87 -1.22 -0.04
N HIS A 200 13.60 -1.37 -0.40
CA HIS A 200 13.22 -1.94 -1.68
C HIS A 200 11.92 -1.31 -2.17
N PRO A 201 11.68 -1.35 -3.49
CA PRO A 201 10.45 -0.80 -4.06
C PRO A 201 9.22 -1.17 -3.22
N PRO A 202 8.27 -0.24 -3.06
CA PRO A 202 8.15 1.07 -3.73
C PRO A 202 9.21 2.09 -3.30
N LEU A 203 9.97 1.80 -2.25
CA LEU A 203 11.02 2.70 -1.78
C LEU A 203 10.46 4.00 -1.20
N TYR A 204 9.24 3.95 -0.69
CA TYR A 204 8.61 5.13 -0.09
C TYR A 204 9.50 5.72 0.99
N GLU A 205 9.74 7.02 0.92
CA GLU A 205 10.49 7.71 1.96
C GLU A 205 9.55 8.08 3.10
N SER A 206 9.06 7.04 3.78
CA SER A 206 8.05 7.22 4.81
C SER A 206 8.43 6.47 6.08
N VAL A 207 9.71 6.12 6.20
CA VAL A 207 10.16 5.29 7.31
C VAL A 207 11.02 6.04 8.31
N THR A 208 10.62 6.00 9.58
CA THR A 208 11.47 6.48 10.66
C THR A 208 12.22 5.29 11.22
N TRP A 209 13.54 5.26 11.01
CA TRP A 209 14.34 4.10 11.37
C TRP A 209 14.78 4.09 12.84
N ILE A 210 14.77 2.89 13.41
CA ILE A 210 15.26 2.66 14.76
C ILE A 210 16.32 1.56 14.71
N ILE A 211 17.55 1.95 14.40
CA ILE A 211 18.65 0.99 14.27
C ILE A 211 19.27 0.68 15.62
N CYS A 212 19.13 -0.56 16.08
CA CYS A 212 19.70 -0.96 17.36
C CYS A 212 21.22 -0.89 17.34
N LYS A 213 21.79 -0.38 18.43
CA LYS A 213 23.24 -0.27 18.56
C LYS A 213 23.85 -1.64 18.84
N GLU A 214 23.04 -2.52 19.41
CA GLU A 214 23.49 -3.87 19.75
C GLU A 214 23.03 -4.88 18.69
N SER A 215 23.91 -5.81 18.34
CA SER A 215 23.60 -6.79 17.30
C SER A 215 23.20 -8.13 17.90
N ILE A 216 22.63 -9.00 17.05
CA ILE A 216 22.28 -10.35 17.46
C ILE A 216 23.05 -11.36 16.62
N SER A 217 23.15 -12.59 17.10
CA SER A 217 23.94 -13.61 16.42
C SER A 217 23.13 -14.41 15.42
N VAL A 218 23.85 -15.04 14.49
CA VAL A 218 23.26 -15.95 13.51
C VAL A 218 24.36 -16.84 12.97
N SER A 219 24.09 -18.15 12.91
CA SER A 219 25.09 -19.09 12.42
C SER A 219 25.12 -19.09 10.90
N SER A 220 26.26 -19.48 10.33
CA SER A 220 26.41 -19.56 8.90
C SER A 220 25.40 -20.52 8.29
N GLU A 221 25.05 -21.55 9.05
CA GLU A 221 24.08 -22.55 8.59
C GLU A 221 22.68 -21.96 8.56
N GLN A 222 22.37 -21.07 9.50
CA GLN A 222 21.08 -20.41 9.55
C GLN A 222 20.94 -19.43 8.39
N LEU A 223 22.03 -18.75 8.06
CA LEU A 223 22.05 -17.87 6.90
C LEU A 223 21.84 -18.67 5.63
N ALA A 224 22.41 -19.88 5.61
CA ALA A 224 22.28 -20.77 4.48
C ALA A 224 20.82 -21.17 4.27
N GLN A 225 20.06 -21.22 5.35
CA GLN A 225 18.64 -21.55 5.26
C GLN A 225 17.84 -20.42 4.59
N PHE A 226 18.29 -19.19 4.77
CA PHE A 226 17.67 -18.06 4.08
C PHE A 226 17.86 -18.21 2.58
N ARG A 227 19.10 -18.45 2.17
CA ARG A 227 19.42 -18.64 0.75
C ARG A 227 18.85 -19.96 0.26
N SER A 228 18.27 -20.74 1.17
CA SER A 228 17.69 -22.03 0.84
C SER A 228 16.32 -21.86 0.20
N LEU A 229 15.68 -20.72 0.49
CA LEU A 229 14.39 -20.41 -0.10
C LEU A 229 14.51 -20.18 -1.60
N LEU A 230 13.44 -20.50 -2.33
CA LEU A 230 13.46 -20.40 -3.78
C LEU A 230 12.64 -19.20 -4.27
N SER A 231 13.21 -18.46 -5.22
CA SER A 231 12.56 -17.27 -5.77
C SER A 231 11.61 -17.65 -6.90
N ASN A 232 11.75 -18.88 -7.39
CA ASN A 232 10.91 -19.38 -8.47
C ASN A 232 9.61 -20.00 -7.92
N VAL A 233 8.61 -20.12 -8.78
CA VAL A 233 7.37 -20.78 -8.40
C VAL A 233 7.54 -22.28 -8.47
N GLU A 234 6.62 -23.01 -7.83
CA GLU A 234 6.69 -24.47 -7.77
C GLU A 234 6.68 -25.08 -9.16
N GLY A 235 7.48 -26.14 -9.36
CA GLY A 235 7.54 -26.83 -10.63
C GLY A 235 8.63 -26.32 -11.55
N ASP A 236 8.98 -25.04 -11.39
CA ASP A 236 10.02 -24.42 -12.20
C ASP A 236 11.41 -24.77 -11.67
N ASN A 237 12.43 -24.45 -12.46
CA ASN A 237 13.81 -24.64 -12.03
C ASN A 237 14.10 -23.86 -10.75
N ALA A 238 14.73 -24.53 -9.79
CA ALA A 238 15.04 -23.92 -8.50
C ALA A 238 16.05 -22.79 -8.62
N VAL A 239 15.66 -21.60 -8.15
CA VAL A 239 16.54 -20.44 -8.11
C VAL A 239 16.55 -19.87 -6.69
N PRO A 240 17.56 -20.21 -5.90
CA PRO A 240 17.68 -19.78 -4.50
C PRO A 240 17.76 -18.26 -4.33
N MET A 241 17.22 -17.75 -3.23
CA MET A 241 17.36 -16.34 -2.87
C MET A 241 18.71 -16.13 -2.22
N GLN A 242 19.75 -15.93 -3.03
CA GLN A 242 21.10 -15.77 -2.50
C GLN A 242 21.28 -14.46 -1.74
N HIS A 243 20.62 -13.40 -2.20
CA HIS A 243 20.75 -12.09 -1.57
C HIS A 243 19.59 -11.17 -1.87
N ASN A 244 19.32 -10.26 -0.94
CA ASN A 244 18.26 -9.28 -1.11
C ASN A 244 18.56 -8.01 -0.31
N ASN A 245 19.84 -7.64 -0.29
CA ASN A 245 20.29 -6.45 0.43
C ASN A 245 20.62 -5.30 -0.51
N ARG A 246 20.29 -4.08 -0.09
CA ARG A 246 20.54 -2.90 -0.90
C ARG A 246 21.77 -2.14 -0.40
N PRO A 247 22.58 -1.63 -1.33
CA PRO A 247 23.75 -0.82 -0.98
C PRO A 247 23.35 0.41 -0.17
N THR A 248 24.28 0.92 0.65
CA THR A 248 24.00 2.12 1.43
C THR A 248 23.76 3.32 0.51
N GLN A 249 22.99 4.28 1.00
CA GLN A 249 22.59 5.42 0.17
C GLN A 249 23.14 6.74 0.72
N PRO A 250 23.27 7.76 -0.14
CA PRO A 250 23.73 9.08 0.26
C PRO A 250 22.86 9.66 1.37
N LEU A 251 23.49 10.08 2.46
CA LEU A 251 22.76 10.59 3.62
C LEU A 251 22.07 11.93 3.31
N LYS A 252 22.62 12.65 2.33
CA LYS A 252 22.03 13.90 1.86
C LYS A 252 21.68 14.86 3.00
N GLY A 253 22.63 15.11 3.88
CA GLY A 253 22.46 16.10 4.93
C GLY A 253 21.56 15.66 6.07
N ARG A 254 21.04 14.44 6.00
CA ARG A 254 20.22 13.90 7.07
C ARG A 254 21.05 13.73 8.34
N THR A 255 20.39 13.82 9.49
CA THR A 255 21.07 13.69 10.77
C THR A 255 20.66 12.42 11.50
N VAL A 256 21.64 11.59 11.84
CA VAL A 256 21.38 10.37 12.60
C VAL A 256 21.56 10.63 14.08
N ARG A 257 20.46 10.64 14.82
CA ARG A 257 20.50 10.89 16.25
C ARG A 257 20.79 9.60 17.02
N ALA A 258 21.38 9.75 18.20
CA ALA A 258 21.67 8.61 19.07
C ALA A 258 20.97 8.76 20.40
N SER A 259 20.48 7.65 20.94
CA SER A 259 19.81 7.66 22.23
C SER A 259 20.80 7.46 23.37
N PHE A 260 22.07 7.25 23.01
CA PHE A 260 23.11 7.00 24.00
C PHE A 260 24.32 7.89 23.75
N TRP B 5 2.22 14.53 -5.59
CA TRP B 5 1.35 14.58 -6.76
C TRP B 5 0.02 15.26 -6.43
N GLY B 6 -0.70 15.68 -7.46
CA GLY B 6 -1.97 16.35 -7.28
C GLY B 6 -2.73 16.47 -8.59
N TYR B 7 -3.48 17.56 -8.75
CA TYR B 7 -4.24 17.79 -9.97
C TYR B 7 -4.01 19.18 -10.53
N ASP B 8 -3.13 19.94 -9.89
CA ASP B 8 -2.73 21.24 -10.39
C ASP B 8 -1.79 21.06 -11.57
N ASP B 9 -1.53 22.14 -12.30
CA ASP B 9 -0.67 22.08 -13.47
C ASP B 9 0.75 21.67 -13.10
N LYS B 10 1.17 22.06 -11.91
CA LYS B 10 2.55 21.82 -11.46
C LYS B 10 2.77 20.37 -11.05
N ASN B 11 1.71 19.68 -10.67
CA ASN B 11 1.82 18.31 -10.15
C ASN B 11 0.69 17.41 -10.63
N GLY B 12 0.11 17.74 -11.78
CA GLY B 12 -1.05 17.04 -12.28
C GLY B 12 -0.73 15.76 -13.03
N PRO B 13 -1.75 15.18 -13.68
CA PRO B 13 -1.64 13.94 -14.45
C PRO B 13 -0.54 13.99 -15.50
N GLU B 14 -0.23 15.19 -15.98
CA GLU B 14 0.81 15.36 -16.99
C GLU B 14 2.19 15.25 -16.38
N GLN B 15 2.28 15.44 -15.06
CA GLN B 15 3.56 15.42 -14.36
C GLN B 15 3.77 14.10 -13.62
N TRP B 16 2.74 13.26 -13.58
CA TRP B 16 2.80 12.01 -12.82
C TRP B 16 3.87 11.06 -13.32
N SER B 17 4.13 11.07 -14.63
CA SER B 17 5.11 10.17 -15.22
C SER B 17 6.51 10.38 -14.64
N LYS B 18 6.74 11.54 -14.04
CA LYS B 18 8.03 11.85 -13.45
C LYS B 18 8.38 10.94 -12.27
N LEU B 19 7.46 10.82 -11.32
CA LEU B 19 7.70 10.03 -10.13
C LEU B 19 7.01 8.68 -10.24
N TYR B 20 6.15 8.55 -11.24
CA TYR B 20 5.41 7.30 -11.47
C TYR B 20 5.42 6.93 -12.94
N PRO B 21 6.53 6.36 -13.42
CA PRO B 21 6.75 5.99 -14.81
C PRO B 21 5.65 5.09 -15.36
N ILE B 22 4.96 4.38 -14.48
CA ILE B 22 3.90 3.47 -14.88
C ILE B 22 2.72 4.22 -15.50
N ALA B 23 2.69 5.53 -15.29
CA ALA B 23 1.66 6.38 -15.86
C ALA B 23 1.64 6.24 -17.39
N ASN B 24 2.81 6.03 -17.96
CA ASN B 24 2.94 5.80 -19.39
C ASN B 24 2.93 4.31 -19.72
N GLY B 25 2.20 3.54 -18.92
CA GLY B 25 2.14 2.10 -19.08
C GLY B 25 1.18 1.66 -20.17
N ASN B 26 0.94 0.36 -20.25
CA ASN B 26 0.07 -0.20 -21.28
C ASN B 26 -1.30 -0.60 -20.75
N ASN B 27 -1.43 -0.64 -19.43
CA ASN B 27 -2.70 -1.00 -18.80
C ASN B 27 -3.17 0.09 -17.85
N GLN B 28 -3.26 1.31 -18.36
CA GLN B 28 -3.62 2.46 -17.54
C GLN B 28 -5.09 2.86 -17.68
N SER B 29 -5.65 3.39 -16.60
CA SER B 29 -7.03 3.86 -16.59
C SER B 29 -7.05 5.35 -16.23
N PRO B 30 -8.14 6.05 -16.60
CA PRO B 30 -9.33 5.52 -17.27
C PRO B 30 -9.13 5.35 -18.77
N VAL B 31 -10.16 4.88 -19.46
CA VAL B 31 -10.11 4.72 -20.91
C VAL B 31 -11.45 5.07 -21.52
N ASP B 32 -11.48 5.26 -22.83
CA ASP B 32 -12.72 5.49 -23.55
C ASP B 32 -13.31 4.17 -24.02
N ILE B 33 -14.52 3.87 -23.56
CA ILE B 33 -15.20 2.65 -23.96
C ILE B 33 -16.03 2.87 -25.22
N LYS B 34 -15.57 2.31 -26.33
CA LYS B 34 -16.30 2.38 -27.59
C LYS B 34 -17.18 1.15 -27.75
N THR B 35 -18.49 1.35 -27.61
CA THR B 35 -19.45 0.25 -27.59
C THR B 35 -19.39 -0.64 -28.83
N SER B 36 -19.05 -0.05 -29.97
CA SER B 36 -18.99 -0.80 -31.21
C SER B 36 -17.85 -1.80 -31.22
N GLU B 37 -16.86 -1.58 -30.37
CA GLU B 37 -15.67 -2.42 -30.34
C GLU B 37 -15.59 -3.30 -29.09
N THR B 38 -16.61 -3.23 -28.25
CA THR B 38 -16.68 -4.08 -27.06
C THR B 38 -17.11 -5.49 -27.44
N LYS B 39 -16.47 -6.49 -26.84
CA LYS B 39 -16.75 -7.88 -27.18
C LYS B 39 -17.55 -8.58 -26.08
N HIS B 40 -18.74 -9.05 -26.43
CA HIS B 40 -19.56 -9.80 -25.49
C HIS B 40 -18.88 -11.11 -25.14
N ASP B 41 -18.79 -11.40 -23.84
CA ASP B 41 -18.14 -12.62 -23.38
C ASP B 41 -19.14 -13.56 -22.71
N THR B 42 -19.25 -14.77 -23.24
CA THR B 42 -20.20 -15.76 -22.74
C THR B 42 -19.86 -16.24 -21.33
N SER B 43 -18.57 -16.25 -21.02
CA SER B 43 -18.11 -16.77 -19.73
C SER B 43 -18.47 -15.84 -18.56
N LEU B 44 -18.73 -14.58 -18.89
CA LEU B 44 -19.05 -13.58 -17.87
C LEU B 44 -20.32 -13.93 -17.09
N LYS B 45 -20.21 -13.95 -15.77
CA LYS B 45 -21.35 -14.18 -14.91
C LYS B 45 -21.85 -12.86 -14.35
N PRO B 46 -23.13 -12.82 -13.91
CA PRO B 46 -23.67 -11.59 -13.34
C PRO B 46 -22.86 -11.09 -12.15
N ILE B 47 -22.77 -9.78 -11.99
CA ILE B 47 -22.08 -9.20 -10.84
C ILE B 47 -22.91 -9.38 -9.58
N SER B 48 -22.28 -9.84 -8.51
CA SER B 48 -22.98 -10.05 -7.25
C SER B 48 -22.28 -9.31 -6.11
N VAL B 49 -22.97 -8.32 -5.54
CA VAL B 49 -22.44 -7.58 -4.41
C VAL B 49 -23.29 -7.80 -3.15
N SER B 50 -22.62 -8.14 -2.06
CA SER B 50 -23.30 -8.30 -0.78
C SER B 50 -22.52 -7.58 0.31
N TYR B 51 -22.95 -6.36 0.64
CA TYR B 51 -22.26 -5.54 1.61
C TYR B 51 -22.98 -5.51 2.95
N ASN B 52 -22.21 -5.50 4.03
CA ASN B 52 -22.76 -5.35 5.37
C ASN B 52 -22.58 -3.92 5.86
N PRO B 53 -23.68 -3.23 6.15
CA PRO B 53 -23.64 -1.82 6.55
C PRO B 53 -22.72 -1.61 7.77
N ALA B 54 -22.70 -2.61 8.66
CA ALA B 54 -21.86 -2.53 9.86
C ALA B 54 -20.38 -2.46 9.51
N THR B 55 -20.05 -2.75 8.25
CA THR B 55 -18.67 -2.73 7.80
C THR B 55 -18.14 -1.30 7.65
N ALA B 56 -19.02 -0.37 7.32
CA ALA B 56 -18.64 1.03 7.18
C ALA B 56 -17.86 1.49 8.42
N LYS B 57 -16.75 2.18 8.19
CA LYS B 57 -15.85 2.55 9.29
C LYS B 57 -15.70 4.06 9.48
N GLU B 58 -15.17 4.74 8.47
CA GLU B 58 -14.85 6.16 8.60
C GLU B 58 -14.77 6.86 7.26
N ILE B 59 -14.77 8.19 7.30
CA ILE B 59 -14.60 9.01 6.11
C ILE B 59 -13.41 9.95 6.32
N ILE B 60 -12.57 10.09 5.29
CA ILE B 60 -11.31 10.82 5.43
C ILE B 60 -11.08 11.82 4.29
N ASN B 61 -10.62 13.01 4.65
CA ASN B 61 -10.23 14.01 3.67
C ASN B 61 -8.74 13.87 3.35
N VAL B 62 -8.43 13.48 2.12
CA VAL B 62 -7.05 13.18 1.75
C VAL B 62 -6.44 14.22 0.83
N GLY B 63 -6.93 15.46 0.92
CA GLY B 63 -6.36 16.56 0.15
C GLY B 63 -6.86 16.62 -1.29
N HIS B 64 -6.69 15.53 -2.02
CA HIS B 64 -7.10 15.49 -3.43
C HIS B 64 -8.52 14.96 -3.58
N SER B 65 -9.04 14.34 -2.52
CA SER B 65 -10.35 13.73 -2.55
C SER B 65 -10.75 13.32 -1.14
N PHE B 66 -11.76 12.47 -1.02
CA PHE B 66 -12.13 11.90 0.27
C PHE B 66 -12.45 10.41 0.15
N HIS B 67 -12.02 9.64 1.14
CA HIS B 67 -12.21 8.21 1.13
C HIS B 67 -13.28 7.84 2.13
N VAL B 68 -14.13 6.90 1.75
CA VAL B 68 -15.04 6.27 2.70
C VAL B 68 -14.62 4.83 2.88
N ASN B 69 -13.95 4.55 4.00
CA ASN B 69 -13.34 3.24 4.22
C ASN B 69 -14.22 2.26 4.98
N PHE B 70 -13.94 0.97 4.79
CA PHE B 70 -14.72 -0.10 5.39
C PHE B 70 -13.81 -1.12 6.07
N GLU B 71 -14.36 -1.89 7.00
CA GLU B 71 -13.60 -2.95 7.65
C GLU B 71 -13.34 -4.09 6.68
N ASP B 72 -12.07 -4.33 6.39
CA ASP B 72 -11.68 -5.41 5.49
C ASP B 72 -11.04 -6.56 6.24
N ASN B 73 -11.59 -6.89 7.41
CA ASN B 73 -11.09 -7.97 8.24
C ASN B 73 -11.62 -9.33 7.81
N ASP B 74 -12.86 -9.35 7.35
CA ASP B 74 -13.50 -10.60 6.91
C ASP B 74 -14.32 -10.38 5.65
N ASN B 75 -15.02 -11.42 5.22
CA ASN B 75 -15.80 -11.37 3.99
C ASN B 75 -17.27 -10.98 4.18
N ARG B 76 -17.53 -10.05 5.09
CA ARG B 76 -18.88 -9.56 5.31
C ARG B 76 -19.38 -8.76 4.11
N SER B 77 -18.48 -8.01 3.48
CA SER B 77 -18.80 -7.22 2.30
C SER B 77 -17.91 -7.65 1.14
N VAL B 78 -18.46 -8.43 0.21
CA VAL B 78 -17.67 -8.98 -0.88
C VAL B 78 -18.26 -8.75 -2.27
N LEU B 79 -17.44 -8.94 -3.29
CA LEU B 79 -17.86 -8.84 -4.67
C LEU B 79 -17.62 -10.16 -5.39
N LYS B 80 -18.67 -10.69 -6.00
CA LYS B 80 -18.60 -11.96 -6.71
C LYS B 80 -19.02 -11.81 -8.17
N GLY B 81 -18.99 -12.91 -8.91
CA GLY B 81 -19.44 -12.91 -10.29
C GLY B 81 -18.55 -12.13 -11.23
N GLY B 82 -19.09 -11.78 -12.38
CA GLY B 82 -18.33 -11.06 -13.40
C GLY B 82 -17.26 -11.95 -14.00
N PRO B 83 -16.06 -11.38 -14.19
CA PRO B 83 -14.90 -12.12 -14.72
C PRO B 83 -14.15 -12.82 -13.61
N PHE B 84 -14.66 -12.72 -12.37
CA PHE B 84 -13.95 -13.22 -11.21
C PHE B 84 -14.33 -14.64 -10.83
N SER B 85 -13.32 -15.46 -10.55
CA SER B 85 -13.54 -16.76 -9.95
C SER B 85 -13.30 -16.63 -8.45
N ASP B 86 -12.50 -15.63 -8.09
CA ASP B 86 -12.20 -15.34 -6.70
C ASP B 86 -13.23 -14.36 -6.13
N SER B 87 -13.18 -14.18 -4.81
CA SER B 87 -14.06 -13.24 -4.14
C SER B 87 -13.27 -12.03 -3.64
N TYR B 88 -13.77 -10.83 -3.94
CA TYR B 88 -13.06 -9.60 -3.58
C TYR B 88 -13.71 -8.89 -2.39
N ARG B 89 -12.86 -8.41 -1.48
CA ARG B 89 -13.33 -7.78 -0.25
C ARG B 89 -13.37 -6.26 -0.36
N LEU B 90 -14.56 -5.69 -0.19
CA LEU B 90 -14.73 -4.24 -0.21
C LEU B 90 -13.89 -3.58 0.89
N PHE B 91 -13.34 -2.41 0.59
CA PHE B 91 -12.56 -1.69 1.58
C PHE B 91 -12.77 -0.18 1.52
N GLN B 92 -13.28 0.32 0.40
CA GLN B 92 -13.45 1.75 0.22
C GLN B 92 -14.26 2.12 -1.02
N PHE B 93 -14.94 3.26 -0.95
CA PHE B 93 -15.52 3.87 -2.14
C PHE B 93 -15.25 5.37 -2.12
N HIS B 94 -15.10 5.97 -3.30
CA HIS B 94 -14.84 7.40 -3.41
C HIS B 94 -15.36 7.93 -4.73
N PHE B 95 -15.17 9.23 -4.96
CA PHE B 95 -15.68 9.87 -6.16
C PHE B 95 -14.60 10.64 -6.92
N HIS B 96 -14.87 10.88 -8.20
CA HIS B 96 -14.05 11.75 -9.02
C HIS B 96 -14.96 12.76 -9.69
N TRP B 97 -14.52 14.01 -9.76
CA TRP B 97 -15.34 15.07 -10.37
C TRP B 97 -14.49 16.11 -11.09
N GLY B 98 -15.15 16.97 -11.84
CA GLY B 98 -14.49 18.04 -12.57
C GLY B 98 -14.88 19.40 -12.04
N SER B 99 -14.30 20.44 -12.63
CA SER B 99 -14.57 21.81 -12.18
C SER B 99 -15.88 22.35 -12.75
N THR B 100 -16.44 21.64 -13.73
CA THR B 100 -17.75 21.97 -14.28
C THR B 100 -18.62 20.72 -14.39
N ASN B 101 -19.94 20.92 -14.46
CA ASN B 101 -20.88 19.81 -14.52
C ASN B 101 -20.72 18.94 -15.76
N GLU B 102 -20.19 19.52 -16.83
CA GLU B 102 -20.18 18.86 -18.13
C GLU B 102 -19.18 17.72 -18.27
N HIS B 103 -17.94 17.94 -17.83
CA HIS B 103 -16.89 16.95 -18.03
C HIS B 103 -16.12 16.67 -16.74
N GLY B 104 -16.72 15.86 -15.87
CA GLY B 104 -16.11 15.56 -14.58
C GLY B 104 -15.83 14.09 -14.33
N SER B 105 -16.29 13.23 -15.23
CA SER B 105 -16.05 11.80 -15.08
C SER B 105 -14.65 11.43 -15.56
N GLU B 106 -14.24 10.20 -15.29
CA GLU B 106 -12.93 9.72 -15.72
C GLU B 106 -13.05 8.81 -16.93
N HIS B 107 -13.92 7.82 -16.82
CA HIS B 107 -14.24 6.95 -17.95
C HIS B 107 -15.22 7.65 -18.89
N THR B 108 -15.09 7.39 -20.18
CA THR B 108 -16.02 7.94 -21.16
C THR B 108 -16.57 6.83 -22.03
N VAL B 109 -17.80 6.99 -22.50
CA VAL B 109 -18.41 6.00 -23.37
C VAL B 109 -18.72 6.62 -24.73
N ASP B 110 -18.08 6.09 -25.77
CA ASP B 110 -18.23 6.64 -27.11
C ASP B 110 -17.83 8.11 -27.14
N GLY B 111 -16.82 8.45 -26.34
CA GLY B 111 -16.30 9.81 -26.30
C GLY B 111 -17.13 10.75 -25.46
N VAL B 112 -18.15 10.21 -24.79
CA VAL B 112 -19.02 11.01 -23.94
C VAL B 112 -18.57 11.08 -22.48
N LYS B 113 -18.28 12.30 -22.04
CA LYS B 113 -17.84 12.67 -20.70
C LYS B 113 -19.06 12.76 -19.80
N TYR B 114 -18.97 12.31 -18.55
CA TYR B 114 -20.06 12.55 -17.58
C TYR B 114 -19.66 13.55 -16.50
N SER B 115 -20.56 13.84 -15.57
CA SER B 115 -20.33 14.87 -14.55
C SER B 115 -19.37 14.41 -13.46
N ALA B 116 -19.49 13.15 -13.06
CA ALA B 116 -18.65 12.60 -12.01
C ALA B 116 -18.58 11.08 -12.16
N GLU B 117 -17.87 10.44 -11.26
CA GLU B 117 -17.74 8.99 -11.30
C GLU B 117 -17.53 8.41 -9.91
N LEU B 118 -18.29 7.35 -9.61
CA LEU B 118 -18.18 6.66 -8.33
C LEU B 118 -17.32 5.42 -8.49
N HIS B 119 -16.35 5.24 -7.59
CA HIS B 119 -15.51 4.05 -7.59
C HIS B 119 -15.67 3.27 -6.31
N VAL B 120 -16.09 2.01 -6.43
CA VAL B 120 -16.19 1.11 -5.29
C VAL B 120 -15.07 0.08 -5.37
N ALA B 121 -14.13 0.14 -4.44
CA ALA B 121 -12.92 -0.65 -4.52
C ALA B 121 -12.94 -1.91 -3.65
N HIS B 122 -12.37 -2.98 -4.19
CA HIS B 122 -12.26 -4.26 -3.48
C HIS B 122 -10.87 -4.85 -3.71
N TRP B 123 -10.38 -5.63 -2.75
CA TRP B 123 -9.12 -6.34 -2.94
C TRP B 123 -9.29 -7.86 -2.82
N ASN B 124 -8.46 -8.58 -3.57
CA ASN B 124 -8.57 -10.04 -3.65
C ASN B 124 -8.24 -10.75 -2.35
N SER B 125 -9.26 -11.01 -1.54
CA SER B 125 -9.07 -11.65 -0.24
C SER B 125 -8.93 -13.16 -0.37
N ALA B 126 -9.12 -13.67 -1.58
CA ALA B 126 -8.96 -15.10 -1.84
C ALA B 126 -7.50 -15.47 -2.00
N LYS B 127 -6.74 -14.57 -2.61
CA LYS B 127 -5.32 -14.81 -2.87
C LYS B 127 -4.41 -14.11 -1.86
N TYR B 128 -4.88 -13.00 -1.32
CA TYR B 128 -4.05 -12.18 -0.44
C TYR B 128 -4.73 -11.88 0.89
N SER B 129 -3.97 -11.32 1.82
CA SER B 129 -4.47 -11.10 3.17
C SER B 129 -4.48 -9.62 3.58
N SER B 130 -4.10 -8.75 2.64
CA SER B 130 -4.09 -7.32 2.92
C SER B 130 -4.20 -6.51 1.63
N LEU B 131 -4.72 -5.29 1.75
CA LEU B 131 -4.81 -4.38 0.62
C LEU B 131 -3.42 -4.02 0.12
N ALA B 132 -2.50 -3.83 1.06
CA ALA B 132 -1.12 -3.48 0.72
C ALA B 132 -0.47 -4.54 -0.16
N GLU B 133 -0.76 -5.81 0.13
CA GLU B 133 -0.22 -6.91 -0.64
C GLU B 133 -0.89 -7.01 -2.01
N ALA B 134 -2.20 -6.86 -2.03
CA ALA B 134 -2.98 -7.03 -3.26
C ALA B 134 -2.85 -5.84 -4.21
N ALA B 135 -2.48 -4.68 -3.65
CA ALA B 135 -2.45 -3.44 -4.41
C ALA B 135 -1.54 -3.49 -5.63
N SER B 136 -0.48 -4.29 -5.55
CA SER B 136 0.51 -4.36 -6.62
C SER B 136 0.36 -5.62 -7.45
N LYS B 137 -0.67 -6.41 -7.17
CA LYS B 137 -0.91 -7.65 -7.89
C LYS B 137 -1.91 -7.46 -9.02
N ALA B 138 -1.56 -7.96 -10.20
CA ALA B 138 -2.41 -7.82 -11.38
C ALA B 138 -3.87 -8.22 -11.11
N ASP B 139 -4.05 -9.25 -10.29
CA ASP B 139 -5.38 -9.73 -9.93
C ASP B 139 -5.75 -9.32 -8.51
N GLY B 140 -5.14 -8.26 -8.03
CA GLY B 140 -5.31 -7.83 -6.65
C GLY B 140 -6.53 -6.96 -6.40
N LEU B 141 -6.84 -6.07 -7.34
CA LEU B 141 -7.92 -5.12 -7.14
C LEU B 141 -9.08 -5.29 -8.12
N ALA B 142 -10.30 -5.10 -7.61
CA ALA B 142 -11.49 -5.07 -8.43
C ALA B 142 -12.26 -3.79 -8.09
N VAL B 143 -12.46 -2.94 -9.08
CA VAL B 143 -13.14 -1.66 -8.84
C VAL B 143 -14.37 -1.48 -9.72
N ILE B 144 -15.49 -1.18 -9.09
CA ILE B 144 -16.73 -0.89 -9.81
C ILE B 144 -16.81 0.60 -10.15
N GLY B 145 -16.88 0.91 -11.43
CA GLY B 145 -17.00 2.29 -11.88
C GLY B 145 -18.43 2.63 -12.28
N VAL B 146 -19.02 3.60 -11.59
CA VAL B 146 -20.36 4.06 -11.91
C VAL B 146 -20.33 5.50 -12.40
N LEU B 147 -20.82 5.71 -13.62
CA LEU B 147 -20.86 7.05 -14.21
C LEU B 147 -22.01 7.86 -13.62
N MET B 148 -21.73 9.10 -13.23
CA MET B 148 -22.72 9.96 -12.62
C MET B 148 -23.13 11.10 -13.57
N LYS B 149 -24.43 11.29 -13.73
CA LYS B 149 -24.97 12.23 -14.70
C LYS B 149 -25.71 13.38 -14.02
N VAL B 150 -25.42 14.62 -14.44
CA VAL B 150 -26.09 15.78 -13.84
C VAL B 150 -27.59 15.72 -14.10
N GLY B 151 -28.37 16.00 -13.07
CA GLY B 151 -29.81 16.03 -13.21
C GLY B 151 -30.49 16.25 -11.88
N GLU B 152 -31.38 15.35 -11.50
CA GLU B 152 -32.09 15.46 -10.24
C GLU B 152 -31.20 15.03 -9.08
N ALA B 153 -31.45 15.61 -7.92
CA ALA B 153 -30.68 15.27 -6.72
C ALA B 153 -30.76 13.78 -6.41
N ASN B 154 -29.64 13.20 -6.00
CA ASN B 154 -29.60 11.80 -5.62
C ASN B 154 -29.66 11.65 -4.11
N PRO B 155 -30.82 11.18 -3.60
CA PRO B 155 -31.06 11.05 -2.16
C PRO B 155 -30.07 10.10 -1.48
N LYS B 156 -29.52 9.16 -2.24
CA LYS B 156 -28.59 8.19 -1.71
C LYS B 156 -27.25 8.80 -1.37
N LEU B 157 -26.93 9.93 -2.01
CA LEU B 157 -25.67 10.61 -1.78
C LEU B 157 -25.68 11.45 -0.53
N GLN B 158 -26.87 11.75 -0.01
CA GLN B 158 -27.01 12.72 1.06
C GLN B 158 -26.29 12.36 2.36
N LYS B 159 -26.30 11.09 2.74
CA LYS B 159 -25.63 10.69 3.97
C LYS B 159 -24.14 10.93 3.87
N VAL B 160 -23.60 10.74 2.66
CA VAL B 160 -22.18 10.98 2.42
C VAL B 160 -21.88 12.46 2.41
N LEU B 161 -22.74 13.23 1.74
CA LEU B 161 -22.57 14.68 1.65
C LEU B 161 -22.72 15.36 3.01
N ASP B 162 -23.60 14.80 3.85
CA ASP B 162 -23.82 15.35 5.18
C ASP B 162 -22.62 15.13 6.09
N ALA B 163 -21.77 14.19 5.71
CA ALA B 163 -20.60 13.85 6.51
C ALA B 163 -19.40 14.70 6.15
N LEU B 164 -19.45 15.32 4.97
CA LEU B 164 -18.32 16.11 4.49
C LEU B 164 -18.06 17.35 5.35
N GLN B 165 -19.02 17.69 6.19
CA GLN B 165 -18.88 18.85 7.08
C GLN B 165 -17.91 18.57 8.22
N ALA B 166 -17.64 17.29 8.45
CA ALA B 166 -16.76 16.88 9.55
C ALA B 166 -15.34 16.62 9.06
N ILE B 167 -15.16 16.63 7.75
CA ILE B 167 -13.84 16.42 7.16
C ILE B 167 -13.52 17.52 6.15
N LYS B 168 -13.85 18.75 6.53
CA LYS B 168 -13.70 19.91 5.66
C LYS B 168 -12.29 20.07 5.09
N THR B 169 -11.29 19.98 5.96
CA THR B 169 -9.91 20.23 5.56
C THR B 169 -9.05 18.97 5.45
N LYS B 170 -7.96 19.07 4.69
CA LYS B 170 -7.04 17.96 4.47
C LYS B 170 -6.57 17.33 5.78
N GLY B 171 -6.71 16.00 5.87
CA GLY B 171 -6.26 15.28 7.05
C GLY B 171 -7.37 14.95 8.03
N LYS B 172 -8.46 15.69 7.93
CA LYS B 172 -9.61 15.49 8.84
C LYS B 172 -10.22 14.10 8.69
N ARG B 173 -10.53 13.48 9.82
CA ARG B 173 -11.12 12.15 9.85
C ARG B 173 -12.40 12.15 10.66
N ALA B 174 -13.29 11.22 10.37
CA ALA B 174 -14.55 11.10 11.08
C ALA B 174 -15.14 9.71 10.92
N PRO B 175 -15.82 9.21 11.97
CA PRO B 175 -16.50 7.92 11.90
C PRO B 175 -17.61 7.93 10.85
N PHE B 176 -17.70 6.87 10.06
CA PHE B 176 -18.75 6.74 9.07
C PHE B 176 -19.28 5.31 9.13
N THR B 177 -20.34 5.10 9.90
CA THR B 177 -20.83 3.76 10.19
C THR B 177 -22.25 3.50 9.67
N ASN B 178 -22.62 2.23 9.60
CA ASN B 178 -23.95 1.83 9.19
C ASN B 178 -24.34 2.38 7.82
N PHE B 179 -23.69 1.88 6.77
CA PHE B 179 -23.96 2.33 5.41
C PHE B 179 -23.65 1.24 4.39
N ASP B 180 -24.63 0.96 3.53
CA ASP B 180 -24.47 -0.02 2.47
C ASP B 180 -24.24 0.68 1.13
N PRO B 181 -23.01 0.58 0.61
CA PRO B 181 -22.59 1.25 -0.63
C PRO B 181 -23.38 0.80 -1.85
N SER B 182 -23.94 -0.41 -1.81
CA SER B 182 -24.68 -0.94 -2.95
C SER B 182 -25.91 -0.10 -3.27
N THR B 183 -26.35 0.68 -2.29
CA THR B 183 -27.50 1.57 -2.48
C THR B 183 -27.16 2.70 -3.45
N LEU B 184 -25.87 2.88 -3.72
CA LEU B 184 -25.42 3.90 -4.66
C LEU B 184 -25.37 3.35 -6.08
N LEU B 185 -25.31 2.03 -6.20
CA LEU B 185 -25.22 1.37 -7.49
C LEU B 185 -26.52 1.49 -8.30
N PRO B 186 -26.41 1.44 -9.63
CA PRO B 186 -27.57 1.50 -10.53
C PRO B 186 -28.51 0.32 -10.37
N SER B 187 -29.72 0.44 -10.91
CA SER B 187 -30.71 -0.62 -10.84
C SER B 187 -30.20 -1.90 -11.47
N SER B 188 -29.65 -1.78 -12.67
CA SER B 188 -29.06 -2.90 -13.38
C SER B 188 -27.56 -2.94 -13.15
N LEU B 189 -26.98 -4.14 -13.17
CA LEU B 189 -25.55 -4.29 -12.98
C LEU B 189 -24.84 -4.78 -14.24
N ASP B 190 -25.45 -4.52 -15.39
CA ASP B 190 -24.78 -4.78 -16.66
C ASP B 190 -23.51 -3.95 -16.71
N PHE B 191 -22.45 -4.50 -17.27
CA PHE B 191 -21.14 -3.86 -17.15
C PHE B 191 -20.20 -4.13 -18.31
N TRP B 192 -19.23 -3.24 -18.47
CA TRP B 192 -18.06 -3.48 -19.30
C TRP B 192 -16.92 -3.82 -18.35
N THR B 193 -15.99 -4.66 -18.80
CA THR B 193 -14.84 -5.01 -17.98
C THR B 193 -13.55 -5.01 -18.80
N TYR B 194 -12.47 -4.52 -18.21
CA TYR B 194 -11.19 -4.46 -18.88
C TYR B 194 -10.06 -4.35 -17.87
N PRO B 195 -8.88 -4.90 -18.22
CA PRO B 195 -7.68 -4.81 -17.38
C PRO B 195 -7.19 -3.37 -17.30
N GLY B 196 -7.19 -2.80 -16.10
CA GLY B 196 -6.81 -1.40 -15.94
C GLY B 196 -5.91 -1.13 -14.75
N SER B 197 -5.92 0.12 -14.29
CA SER B 197 -5.07 0.53 -13.18
C SER B 197 -5.78 1.53 -12.29
N LEU B 198 -5.05 2.05 -11.31
CA LEU B 198 -5.55 3.13 -10.49
C LEU B 198 -5.51 4.42 -11.30
N THR B 199 -6.53 5.26 -11.15
CA THR B 199 -6.63 6.48 -11.93
C THR B 199 -5.74 7.60 -11.37
N HIS B 200 -5.07 7.29 -10.26
CA HIS B 200 -4.14 8.23 -9.63
C HIS B 200 -3.01 7.46 -8.96
N PRO B 201 -1.85 8.11 -8.76
CA PRO B 201 -0.70 7.47 -8.11
C PRO B 201 -1.15 6.67 -6.89
N PRO B 202 -0.53 5.50 -6.67
CA PRO B 202 0.64 4.94 -7.35
C PRO B 202 0.39 4.52 -8.80
N LEU B 203 -0.87 4.48 -9.21
CA LEU B 203 -1.21 4.10 -10.60
C LEU B 203 -0.90 2.64 -10.89
N TYR B 204 -0.94 1.79 -9.86
CA TYR B 204 -0.68 0.37 -10.05
C TYR B 204 -1.63 -0.21 -11.09
N GLU B 205 -1.06 -0.93 -12.06
CA GLU B 205 -1.86 -1.63 -13.06
C GLU B 205 -2.32 -2.96 -12.49
N SER B 206 -3.17 -2.90 -11.47
CA SER B 206 -3.60 -4.08 -10.73
C SER B 206 -5.11 -4.12 -10.58
N VAL B 207 -5.81 -3.34 -11.40
CA VAL B 207 -7.25 -3.19 -11.26
C VAL B 207 -8.03 -3.85 -12.39
N THR B 208 -8.96 -4.73 -12.02
CA THR B 208 -9.92 -5.26 -12.96
C THR B 208 -11.19 -4.41 -12.86
N TRP B 209 -11.48 -3.66 -13.91
CA TRP B 209 -12.58 -2.70 -13.87
C TRP B 209 -13.94 -3.30 -14.18
N ILE B 210 -14.95 -2.83 -13.46
CA ILE B 210 -16.33 -3.20 -13.72
C ILE B 210 -17.14 -1.93 -13.91
N ILE B 211 -17.15 -1.42 -15.14
CA ILE B 211 -17.85 -0.18 -15.46
C ILE B 211 -19.32 -0.45 -15.76
N CYS B 212 -20.20 0.06 -14.90
CA CYS B 212 -21.64 -0.12 -15.10
C CYS B 212 -22.11 0.57 -16.37
N LYS B 213 -22.97 -0.13 -17.11
CA LYS B 213 -23.53 0.43 -18.35
C LYS B 213 -24.58 1.49 -18.03
N GLU B 214 -25.17 1.37 -16.85
CA GLU B 214 -26.21 2.28 -16.40
C GLU B 214 -25.63 3.35 -15.47
N SER B 215 -26.07 4.59 -15.63
CA SER B 215 -25.55 5.69 -14.82
C SER B 215 -26.50 6.06 -13.69
N ILE B 216 -25.99 6.85 -12.75
CA ILE B 216 -26.82 7.36 -11.66
C ILE B 216 -26.83 8.89 -11.69
N SER B 217 -27.83 9.48 -11.05
CA SER B 217 -28.00 10.94 -11.09
C SER B 217 -27.26 11.66 -9.99
N VAL B 218 -27.02 12.95 -10.21
CA VAL B 218 -26.42 13.82 -9.22
C VAL B 218 -26.75 15.26 -9.59
N SER B 219 -27.20 16.05 -8.61
CA SER B 219 -27.56 17.43 -8.87
C SER B 219 -26.32 18.32 -8.92
N SER B 220 -26.42 19.44 -9.63
CA SER B 220 -25.32 20.37 -9.74
C SER B 220 -24.90 20.88 -8.35
N GLU B 221 -25.87 20.97 -7.45
CA GLU B 221 -25.61 21.43 -6.09
C GLU B 221 -24.83 20.39 -5.29
N GLN B 222 -25.11 19.12 -5.57
CA GLN B 222 -24.40 18.03 -4.91
C GLN B 222 -22.95 17.96 -5.39
N LEU B 223 -22.75 18.20 -6.68
CA LEU B 223 -21.41 18.28 -7.24
C LEU B 223 -20.66 19.44 -6.62
N ALA B 224 -21.38 20.53 -6.37
CA ALA B 224 -20.80 21.71 -5.75
C ALA B 224 -20.29 21.40 -4.35
N GLN B 225 -20.95 20.46 -3.68
CA GLN B 225 -20.53 20.06 -2.34
C GLN B 225 -19.20 19.31 -2.37
N PHE B 226 -18.95 18.59 -3.46
CA PHE B 226 -17.66 17.92 -3.63
C PHE B 226 -16.55 18.96 -3.72
N ARG B 227 -16.75 19.95 -4.58
CA ARG B 227 -15.78 21.03 -4.75
C ARG B 227 -15.77 21.93 -3.53
N SER B 228 -16.68 21.65 -2.59
CA SER B 228 -16.78 22.43 -1.37
C SER B 228 -15.70 22.01 -0.38
N LEU B 229 -15.22 20.79 -0.52
CA LEU B 229 -14.13 20.29 0.33
C LEU B 229 -12.83 21.05 0.08
N LEU B 230 -12.01 21.17 1.11
CA LEU B 230 -10.77 21.92 1.01
C LEU B 230 -9.56 21.01 0.95
N SER B 231 -8.64 21.32 0.04
CA SER B 231 -7.43 20.53 -0.14
C SER B 231 -6.33 20.97 0.82
N ASN B 232 -6.53 22.13 1.44
CA ASN B 232 -5.58 22.67 2.39
C ASN B 232 -5.86 22.17 3.81
N VAL B 233 -4.86 22.26 4.67
CA VAL B 233 -5.04 21.89 6.06
C VAL B 233 -5.72 23.03 6.82
N GLU B 234 -6.26 22.72 8.00
CA GLU B 234 -6.98 23.69 8.80
C GLU B 234 -6.10 24.90 9.15
N GLY B 235 -6.69 26.09 9.11
CA GLY B 235 -5.98 27.31 9.46
C GLY B 235 -5.36 27.99 8.26
N ASP B 236 -5.05 27.21 7.23
CA ASP B 236 -4.46 27.76 6.01
C ASP B 236 -5.53 28.35 5.10
N ASN B 237 -5.09 29.07 4.08
CA ASN B 237 -6.00 29.61 3.08
C ASN B 237 -6.81 28.51 2.41
N ALA B 238 -8.12 28.72 2.30
CA ALA B 238 -9.00 27.71 1.74
C ALA B 238 -8.76 27.51 0.25
N VAL B 239 -8.45 26.27 -0.12
CA VAL B 239 -8.34 25.91 -1.52
C VAL B 239 -9.19 24.69 -1.87
N PRO B 240 -10.36 24.94 -2.47
CA PRO B 240 -11.37 23.92 -2.79
C PRO B 240 -10.85 22.85 -3.74
N MET B 241 -11.35 21.63 -3.57
CA MET B 241 -11.05 20.55 -4.51
C MET B 241 -11.96 20.68 -5.72
N GLN B 242 -11.56 21.50 -6.69
CA GLN B 242 -12.40 21.74 -7.86
C GLN B 242 -12.50 20.52 -8.77
N HIS B 243 -11.41 19.76 -8.87
CA HIS B 243 -11.40 18.59 -9.74
C HIS B 243 -10.33 17.57 -9.33
N ASN B 244 -10.59 16.30 -9.64
CA ASN B 244 -9.65 15.23 -9.37
C ASN B 244 -9.85 14.07 -10.35
N ASN B 245 -10.13 14.42 -11.60
CA ASN B 245 -10.35 13.43 -12.64
C ASN B 245 -9.17 13.34 -13.61
N ARG B 246 -8.85 12.13 -14.05
CA ARG B 246 -7.74 11.91 -14.97
C ARG B 246 -8.23 11.70 -16.39
N PRO B 247 -7.52 12.28 -17.38
CA PRO B 247 -7.85 12.10 -18.79
C PRO B 247 -7.83 10.62 -19.18
N THR B 248 -8.59 10.26 -20.21
CA THR B 248 -8.60 8.88 -20.68
C THR B 248 -7.23 8.48 -21.21
N GLN B 249 -6.93 7.19 -21.16
CA GLN B 249 -5.61 6.70 -21.51
C GLN B 249 -5.66 5.76 -22.72
N PRO B 250 -4.53 5.64 -23.43
CA PRO B 250 -4.42 4.74 -24.59
C PRO B 250 -4.78 3.31 -24.21
N LEU B 251 -5.71 2.70 -24.94
CA LEU B 251 -6.17 1.36 -24.62
C LEU B 251 -5.09 0.31 -24.87
N LYS B 252 -4.14 0.64 -25.75
CA LYS B 252 -2.99 -0.22 -26.01
C LYS B 252 -3.37 -1.68 -26.28
N GLY B 253 -4.32 -1.88 -27.18
CA GLY B 253 -4.68 -3.23 -27.60
C GLY B 253 -5.51 -4.02 -26.60
N ARG B 254 -5.82 -3.40 -25.47
CA ARG B 254 -6.66 -4.03 -24.46
C ARG B 254 -8.07 -4.24 -25.01
N THR B 255 -8.75 -5.27 -24.51
CA THR B 255 -10.10 -5.58 -24.97
C THR B 255 -11.13 -5.34 -23.87
N VAL B 256 -12.12 -4.50 -24.17
CA VAL B 256 -13.20 -4.23 -23.22
C VAL B 256 -14.37 -5.16 -23.50
N ARG B 257 -14.59 -6.11 -22.60
CA ARG B 257 -15.68 -7.07 -22.76
C ARG B 257 -16.99 -6.51 -22.22
N ALA B 258 -18.10 -7.00 -22.76
CA ALA B 258 -19.42 -6.57 -22.30
C ALA B 258 -20.22 -7.77 -21.81
N SER B 259 -20.99 -7.57 -20.74
CA SER B 259 -21.82 -8.62 -20.19
C SER B 259 -23.20 -8.61 -20.82
N PHE B 260 -23.47 -7.57 -21.61
CA PHE B 260 -24.78 -7.39 -22.22
C PHE B 260 -24.65 -7.27 -23.74
C1 FLB C . 5.10 -9.46 1.94
C2 FLB C . 4.04 -9.30 3.03
C3 FLB C . 2.64 -7.62 3.85
C6 FLB C . 5.64 -4.54 3.71
C5 FLB C . 4.49 -4.61 2.92
C7 FLB C . 6.33 -3.34 3.83
C4 FLB C . 2.75 -6.12 3.70
C10 FLB C . 4.05 -3.48 2.25
C8 FLB C . 5.88 -2.20 3.17
C9 FLB C . 4.73 -2.28 2.39
O1 FLB C . 3.16 -8.25 2.68
O2 FLB C . 3.80 -5.79 2.79
F6 FLB C . 5.05 -0.05 1.88
C12 FLB C . 4.24 -1.07 1.66
F4 FLB C . 3.04 -0.75 2.12
F5 FLB C . 4.17 -1.32 0.37
C11 FLB C . 7.57 -3.25 4.67
F3 FLB C . 8.64 -3.23 3.89
F2 FLB C . 7.55 -2.15 5.40
F1 FLB C . 7.64 -4.30 5.48
ZN ZN D . 13.47 -4.34 4.88
C1 FLB E . -7.92 7.49 2.24
C2 FLB E . -8.04 6.04 2.69
C3 FLB E . -7.00 3.94 2.40
C6 FLB E . -5.25 2.52 -1.31
C5 FLB E . -6.49 3.11 -1.15
C7 FLB E . -4.90 1.96 -2.54
C4 FLB E . -6.31 3.18 1.27
C10 FLB E . -7.38 3.15 -2.21
C8 FLB E . -5.79 2.00 -3.60
C9 FLB E . -7.04 2.59 -3.44
O1 FLB E . -7.03 5.31 2.01
O2 FLB E . -6.85 3.66 0.04
F6 FLB E . -7.87 1.57 -5.33
C12 FLB E . -8.01 2.65 -4.58
F4 FLB E . -7.79 3.73 -5.29
F5 FLB E . -9.26 2.68 -4.11
C11 FLB E . -3.55 1.32 -2.71
F3 FLB E . -2.74 2.17 -3.32
F2 FLB E . -3.68 0.22 -3.44
F1 FLB E . -3.06 1.02 -1.52
ZN ZN F . -10.78 6.22 -8.27
#